data_3GRY
#
_entry.id   3GRY
#
_cell.length_a   40.468
_cell.length_b   67.021
_cell.length_c   62.152
_cell.angle_alpha   90.00
_cell.angle_beta   107.85
_cell.angle_gamma   90.00
#
_symmetry.space_group_name_H-M   'P 1 21 1'
#
loop_
_entity.id
_entity.type
_entity.pdbx_description
1 polymer 'Dimethyladenosine transferase'
2 non-polymer S-ADENOSYLMETHIONINE
3 non-polymer 'PHOSPHATE ION'
4 water water
#
_entity_poly.entity_id   1
_entity_poly.type   'polypeptide(L)'
_entity_poly.pdbx_seq_one_letter_code
;MGSSHHHHHHSSGLVPRGSHMFKPKKKLGQCFLIDKNFVNKAVESANLTKDDVVLEIGLGKGILTEELAKNAKKVYVIEI
DKSLEPYANKLKELYNNIEIIWGDALKVDLNKLDFNKVVANLPYQISSPITFKLIKRGFDLAVLMYQYEFAKRMVAAAGT
KDYGRLSVAVQSRADVEIVAKVPPSAFYPKPKVYSAIVKIKPNKGKYHIENENFFDDFLRAIFQHRNKSVRKALIDSSKE
LNYNKDEMKKILEDFLNTNSEIKNLINEKVFKLSVKDIVNLSNEFYRFLQNRGRL
;
_entity_poly.pdbx_strand_id   A
#
# COMPACT_ATOMS: atom_id res chain seq x y z
N GLN A 30 22.12 1.37 -1.78
CA GLN A 30 21.10 1.08 -0.74
C GLN A 30 21.35 1.94 0.51
N CYS A 31 20.29 2.47 1.10
CA CYS A 31 20.40 3.27 2.32
C CYS A 31 20.07 2.45 3.56
N PHE A 32 21.12 2.10 4.30
CA PHE A 32 20.97 1.25 5.47
C PHE A 32 20.53 2.05 6.68
N LEU A 33 19.58 1.49 7.43
CA LEU A 33 19.11 2.05 8.68
C LEU A 33 20.18 1.78 9.74
N ILE A 34 20.74 2.87 10.28
CA ILE A 34 21.85 2.79 11.24
C ILE A 34 21.46 3.30 12.64
N ASP A 35 20.35 4.04 12.69
CA ASP A 35 19.85 4.63 13.94
C ASP A 35 18.89 3.67 14.64
N LYS A 36 19.36 3.10 15.74
CA LYS A 36 18.63 2.06 16.48
C LYS A 36 17.34 2.57 17.15
N ASN A 37 17.25 3.90 17.35
CA ASN A 37 16.02 4.49 17.86
C ASN A 37 14.82 4.26 16.92
N PHE A 38 15.08 4.27 15.61
CA PHE A 38 14.02 4.06 14.62
C PHE A 38 13.74 2.59 14.36
N VAL A 39 14.76 1.74 14.54
CA VAL A 39 14.58 0.28 14.54
C VAL A 39 13.67 -0.09 15.71
N ASN A 40 14.02 0.41 16.90
CA ASN A 40 13.21 0.24 18.11
C ASN A 40 11.77 0.70 17.90
N LYS A 41 11.61 1.85 17.24
CA LYS A 41 10.28 2.39 16.98
C LYS A 41 9.43 1.47 16.10
N ALA A 42 9.95 1.06 14.95
CA ALA A 42 9.25 0.14 14.04
C ALA A 42 8.86 -1.16 14.74
N VAL A 43 9.83 -1.79 15.42
CA VAL A 43 9.61 -3.00 16.22
C VAL A 43 8.45 -2.82 17.21
N GLU A 44 8.46 -1.70 17.90
CA GLU A 44 7.47 -1.34 18.89
C GLU A 44 6.09 -1.15 18.25
N SER A 45 6.05 -0.40 17.16
CA SER A 45 4.83 -0.17 16.38
C SER A 45 4.18 -1.48 15.89
N ALA A 46 4.99 -2.54 15.77
CA ALA A 46 4.52 -3.82 15.26
C ALA A 46 3.83 -4.66 16.32
N ASN A 47 3.92 -4.23 17.59
CA ASN A 47 3.22 -4.90 18.69
C ASN A 47 3.43 -6.42 18.62
N LEU A 48 4.69 -6.84 18.69
CA LEU A 48 5.06 -8.24 18.51
C LEU A 48 4.92 -9.11 19.78
N THR A 49 4.40 -10.32 19.58
CA THR A 49 4.46 -11.38 20.60
C THR A 49 5.07 -12.62 19.98
N LYS A 50 5.47 -13.57 20.83
CA LYS A 50 6.10 -14.81 20.36
C LYS A 50 5.17 -15.73 19.56
N ASP A 51 3.96 -15.27 19.29
CA ASP A 51 3.01 -15.99 18.44
C ASP A 51 2.91 -15.39 17.03
N ASP A 52 3.65 -14.29 16.81
CA ASP A 52 3.70 -13.65 15.50
C ASP A 52 4.85 -14.21 14.69
N VAL A 53 4.58 -14.48 13.40
CA VAL A 53 5.61 -14.78 12.41
C VAL A 53 5.72 -13.55 11.50
N VAL A 54 6.93 -13.00 11.36
CA VAL A 54 7.16 -11.76 10.60
C VAL A 54 7.86 -12.02 9.26
N LEU A 55 7.43 -11.29 8.23
CA LEU A 55 8.14 -11.25 6.96
C LEU A 55 8.90 -9.94 6.83
N GLU A 56 10.22 -10.01 6.69
CA GLU A 56 11.04 -8.83 6.44
C GLU A 56 11.46 -8.77 4.97
N ILE A 57 11.27 -7.62 4.32
CA ILE A 57 11.75 -7.37 2.96
C ILE A 57 13.09 -6.65 3.01
N GLY A 58 14.16 -7.36 2.67
CA GLY A 58 15.50 -6.76 2.64
C GLY A 58 16.24 -6.91 3.94
N LEU A 59 17.42 -7.55 3.88
CA LEU A 59 18.26 -7.84 5.04
C LEU A 59 19.10 -6.67 5.59
N GLY A 60 19.72 -5.89 4.70
CA GLY A 60 20.59 -4.77 5.10
C GLY A 60 21.80 -5.17 5.94
N LYS A 61 21.94 -4.54 7.12
CA LYS A 61 23.02 -4.88 8.06
C LYS A 61 22.55 -5.88 9.12
N GLY A 62 21.26 -6.21 9.06
CA GLY A 62 20.64 -7.16 9.98
C GLY A 62 20.24 -6.57 11.32
N ILE A 63 20.24 -5.24 11.42
CA ILE A 63 19.98 -4.59 12.69
C ILE A 63 18.50 -4.72 13.05
N LEU A 64 17.63 -4.49 12.06
CA LEU A 64 16.20 -4.71 12.21
C LEU A 64 15.89 -6.22 12.34
N THR A 65 16.63 -7.04 11.60
CA THR A 65 16.42 -8.50 11.65
C THR A 65 16.57 -9.07 13.06
N GLU A 66 17.63 -8.65 13.77
CA GLU A 66 17.92 -9.16 15.10
C GLU A 66 16.79 -8.84 16.10
N GLU A 67 16.29 -7.61 16.04
CA GLU A 67 15.18 -7.17 16.89
C GLU A 67 13.89 -7.94 16.63
N LEU A 68 13.64 -8.26 15.36
CA LEU A 68 12.51 -9.11 14.95
C LEU A 68 12.62 -10.53 15.49
N ALA A 69 13.81 -11.13 15.40
CA ALA A 69 14.03 -12.50 15.86
C ALA A 69 13.91 -12.62 17.38
N LYS A 70 14.30 -11.57 18.10
CA LYS A 70 14.18 -11.51 19.55
C LYS A 70 12.72 -11.56 19.99
N ASN A 71 11.87 -10.83 19.25
CA ASN A 71 10.50 -10.55 19.69
C ASN A 71 9.39 -11.30 18.98
N ALA A 72 9.70 -12.03 17.91
CA ALA A 72 8.70 -12.78 17.17
C ALA A 72 9.01 -14.28 17.22
N LYS A 73 8.02 -15.11 16.91
CA LYS A 73 8.23 -16.55 16.85
C LYS A 73 9.28 -16.90 15.81
N LYS A 74 9.22 -16.20 14.67
CA LYS A 74 10.01 -16.56 13.51
C LYS A 74 10.05 -15.36 12.57
N VAL A 75 11.14 -15.22 11.82
CA VAL A 75 11.24 -14.19 10.79
C VAL A 75 11.77 -14.73 9.45
N TYR A 76 10.98 -14.56 8.41
CA TYR A 76 11.41 -14.70 7.00
C TYR A 76 12.02 -13.41 6.50
N VAL A 77 13.23 -13.49 5.98
CA VAL A 77 13.90 -12.35 5.31
C VAL A 77 14.04 -12.66 3.81
N ILE A 78 13.50 -11.78 2.97
CA ILE A 78 13.72 -11.87 1.53
C ILE A 78 14.80 -10.88 1.09
N GLU A 79 15.90 -11.41 0.61
CA GLU A 79 17.06 -10.62 0.20
C GLU A 79 17.52 -11.05 -1.19
N ILE A 80 17.72 -10.08 -2.08
CA ILE A 80 18.09 -10.35 -3.46
C ILE A 80 19.60 -10.45 -3.66
N ASP A 81 20.35 -9.85 -2.74
CA ASP A 81 21.81 -9.72 -2.86
C ASP A 81 22.56 -10.77 -2.00
N LYS A 82 23.30 -11.65 -2.68
CA LYS A 82 24.08 -12.70 -2.02
C LYS A 82 25.35 -12.18 -1.34
N SER A 83 25.75 -10.94 -1.65
CA SER A 83 26.96 -10.34 -1.06
C SER A 83 26.75 -9.98 0.41
N LEU A 84 25.49 -10.04 0.85
CA LEU A 84 25.15 -9.76 2.23
C LEU A 84 25.04 -11.04 3.07
N GLU A 85 25.44 -12.17 2.51
CA GLU A 85 25.38 -13.43 3.24
C GLU A 85 26.16 -13.45 4.58
N PRO A 86 27.36 -12.84 4.63
CA PRO A 86 28.09 -12.88 5.92
C PRO A 86 27.24 -12.42 7.10
N TYR A 87 26.40 -11.40 6.89
CA TYR A 87 25.48 -10.94 7.94
C TYR A 87 24.43 -12.01 8.25
N ALA A 88 23.95 -12.70 7.22
CA ALA A 88 22.97 -13.78 7.36
C ALA A 88 23.53 -14.93 8.17
N ASN A 89 24.70 -15.42 7.76
CA ASN A 89 25.39 -16.50 8.49
C ASN A 89 25.81 -16.12 9.91
N LYS A 90 26.13 -14.85 10.14
CA LYS A 90 26.47 -14.35 11.48
C LYS A 90 25.26 -14.38 12.40
N LEU A 91 24.11 -13.95 11.88
CA LEU A 91 22.84 -13.93 12.60
C LEU A 91 22.30 -15.35 12.84
N LYS A 92 22.44 -16.22 11.84
CA LYS A 92 21.99 -17.60 11.95
C LYS A 92 22.77 -18.37 13.01
N GLU A 93 23.91 -17.81 13.42
CA GLU A 93 24.77 -18.39 14.44
C GLU A 93 24.38 -17.95 15.86
N LEU A 94 23.48 -16.98 15.97
CA LEU A 94 23.00 -16.52 17.27
C LEU A 94 21.49 -16.80 17.43
N TYR A 95 20.79 -16.93 16.31
CA TYR A 95 19.34 -17.14 16.30
C TYR A 95 18.95 -18.29 15.36
N ASN A 96 18.16 -19.22 15.88
CA ASN A 96 17.67 -20.38 15.11
C ASN A 96 16.32 -20.13 14.43
N ASN A 97 15.78 -18.93 14.61
CA ASN A 97 14.45 -18.59 14.07
C ASN A 97 14.47 -17.54 12.95
N ILE A 98 15.54 -17.58 12.15
CA ILE A 98 15.69 -16.74 10.98
C ILE A 98 15.88 -17.64 9.76
N GLU A 99 14.98 -17.49 8.80
CA GLU A 99 15.09 -18.20 7.55
C GLU A 99 15.18 -17.15 6.46
N ILE A 100 16.26 -17.22 5.69
CA ILE A 100 16.54 -16.28 4.62
C ILE A 100 16.07 -16.88 3.30
N ILE A 101 15.29 -16.10 2.54
CA ILE A 101 14.83 -16.45 1.19
C ILE A 101 15.56 -15.55 0.19
N TRP A 102 16.56 -16.12 -0.50
CA TRP A 102 17.39 -15.39 -1.45
C TRP A 102 16.66 -15.22 -2.76
N GLY A 103 16.19 -14.00 -3.03
CA GLY A 103 15.44 -13.74 -4.26
C GLY A 103 14.86 -12.34 -4.32
N ASP A 104 14.10 -12.09 -5.38
CA ASP A 104 13.50 -10.79 -5.66
C ASP A 104 12.09 -10.77 -5.04
N ALA A 105 11.88 -9.84 -4.11
CA ALA A 105 10.62 -9.75 -3.34
C ALA A 105 9.36 -9.56 -4.21
N LEU A 106 9.54 -8.97 -5.39
CA LEU A 106 8.47 -8.85 -6.37
C LEU A 106 8.10 -10.17 -7.06
N LYS A 107 9.03 -11.12 -7.05
CA LYS A 107 8.88 -12.40 -7.75
C LYS A 107 8.43 -13.55 -6.84
N VAL A 108 8.78 -13.49 -5.56
CA VAL A 108 8.48 -14.58 -4.62
C VAL A 108 6.96 -14.76 -4.44
N ASP A 109 6.49 -16.00 -4.54
CA ASP A 109 5.09 -16.29 -4.26
C ASP A 109 4.88 -16.27 -2.75
N LEU A 110 4.25 -15.20 -2.27
CA LEU A 110 4.04 -14.99 -0.83
C LEU A 110 2.92 -15.87 -0.28
N ASN A 111 2.16 -16.50 -1.18
CA ASN A 111 1.10 -17.44 -0.78
C ASN A 111 1.69 -18.72 -0.17
N LYS A 112 2.93 -19.04 -0.51
CA LYS A 112 3.62 -20.22 0.03
C LYS A 112 4.22 -20.01 1.43
N LEU A 113 4.29 -18.75 1.86
CA LEU A 113 4.83 -18.44 3.19
C LEU A 113 3.68 -18.30 4.19
N ASP A 114 3.97 -18.57 5.46
CA ASP A 114 2.94 -18.48 6.49
C ASP A 114 3.43 -17.47 7.52
N PHE A 115 2.89 -16.26 7.43
CA PHE A 115 3.26 -15.16 8.31
C PHE A 115 2.06 -14.25 8.52
N ASN A 116 2.01 -13.55 9.65
CA ASN A 116 0.91 -12.64 9.94
C ASN A 116 1.30 -11.15 9.95
N LYS A 117 2.60 -10.87 9.94
CA LYS A 117 3.06 -9.47 10.02
C LYS A 117 4.24 -9.20 9.09
N VAL A 118 4.39 -7.93 8.72
CA VAL A 118 5.45 -7.48 7.83
C VAL A 118 6.09 -6.23 8.42
N VAL A 119 7.41 -6.27 8.58
CA VAL A 119 8.16 -5.15 9.14
C VAL A 119 9.44 -5.08 8.34
N ALA A 120 9.68 -3.92 7.72
CA ALA A 120 10.80 -3.73 6.79
C ALA A 120 11.17 -2.26 6.57
N ASN A 121 12.46 -2.02 6.33
CA ASN A 121 12.90 -0.78 5.71
C ASN A 121 12.95 -1.04 4.22
N LEU A 122 11.86 -0.72 3.52
CA LEU A 122 11.68 -1.10 2.12
C LEU A 122 12.67 -0.38 1.20
N PRO A 123 13.17 -1.10 0.17
CA PRO A 123 13.95 -0.49 -0.90
C PRO A 123 13.01 0.39 -1.70
N TYR A 124 13.28 1.70 -1.67
CA TYR A 124 12.34 2.71 -2.17
C TYR A 124 11.89 2.59 -3.63
N GLN A 125 12.63 1.82 -4.43
CA GLN A 125 12.24 1.59 -5.84
C GLN A 125 11.03 0.64 -6.01
N ILE A 126 10.81 -0.26 -5.05
CA ILE A 126 9.71 -1.23 -5.15
C ILE A 126 8.46 -0.86 -4.34
N SER A 127 8.51 0.30 -3.67
CA SER A 127 7.45 0.76 -2.75
C SER A 127 6.01 0.53 -3.22
N SER A 128 5.69 0.86 -4.46
CA SER A 128 4.32 0.70 -4.94
C SER A 128 3.89 -0.76 -5.21
N PRO A 129 4.54 -1.45 -6.18
CA PRO A 129 4.13 -2.84 -6.42
C PRO A 129 4.13 -3.70 -5.14
N ILE A 130 5.14 -3.52 -4.28
CA ILE A 130 5.27 -4.35 -3.08
C ILE A 130 4.17 -4.11 -2.04
N THR A 131 3.68 -2.87 -1.97
CA THR A 131 2.55 -2.54 -1.10
C THR A 131 1.33 -3.34 -1.52
N PHE A 132 1.01 -3.30 -2.81
CA PHE A 132 -0.19 -3.96 -3.30
C PHE A 132 -0.09 -5.49 -3.33
N LYS A 133 1.12 -6.03 -3.45
CA LYS A 133 1.34 -7.46 -3.37
C LYS A 133 1.12 -7.96 -1.94
N LEU A 134 1.66 -7.24 -0.95
CA LEU A 134 1.46 -7.58 0.45
C LEU A 134 -0.02 -7.47 0.84
N ILE A 135 -0.63 -6.32 0.50
CA ILE A 135 -2.07 -6.14 0.77
C ILE A 135 -2.91 -7.24 0.12
N LYS A 136 -2.60 -7.59 -1.13
CA LYS A 136 -3.28 -8.71 -1.80
C LYS A 136 -3.14 -10.04 -1.07
N ARG A 137 -1.90 -10.40 -0.71
CA ARG A 137 -1.63 -11.62 0.06
C ARG A 137 -2.34 -11.57 1.42
N GLY A 138 -2.31 -10.40 2.04
CA GLY A 138 -2.96 -10.19 3.33
C GLY A 138 -1.99 -10.30 4.49
N PHE A 139 -2.38 -9.65 5.59
CA PHE A 139 -1.63 -9.66 6.85
C PHE A 139 -2.42 -8.99 7.99
N ASP A 140 -2.04 -9.31 9.23
CA ASP A 140 -2.66 -8.73 10.41
C ASP A 140 -2.30 -7.25 10.53
N LEU A 141 -1.03 -6.94 10.27
CA LEU A 141 -0.47 -5.60 10.44
C LEU A 141 0.86 -5.48 9.71
N ALA A 142 1.14 -4.30 9.16
CA ALA A 142 2.45 -4.01 8.59
C ALA A 142 3.02 -2.70 9.11
N VAL A 143 4.34 -2.67 9.23
CA VAL A 143 5.09 -1.50 9.67
C VAL A 143 6.28 -1.34 8.71
N LEU A 144 6.24 -0.31 7.88
CA LEU A 144 7.13 -0.23 6.71
C LEU A 144 7.72 1.16 6.51
N MET A 145 8.99 1.21 6.15
CA MET A 145 9.67 2.45 5.81
C MET A 145 9.48 2.85 4.36
N TYR A 146 8.93 4.04 4.13
CA TYR A 146 8.76 4.61 2.79
C TYR A 146 9.50 5.92 2.73
N GLN A 147 9.70 6.46 1.52
CA GLN A 147 10.09 7.88 1.37
C GLN A 147 8.93 8.74 1.88
N TYR A 148 9.26 9.89 2.45
CA TYR A 148 8.26 10.72 3.13
C TYR A 148 7.09 11.15 2.25
N GLU A 149 7.38 11.61 1.03
CA GLU A 149 6.37 12.06 0.06
C GLU A 149 5.38 10.96 -0.34
N PHE A 150 5.91 9.76 -0.51
CA PHE A 150 5.10 8.59 -0.81
C PHE A 150 4.15 8.23 0.35
N ALA A 151 4.65 8.35 1.58
CA ALA A 151 3.84 8.10 2.79
C ALA A 151 2.70 9.10 2.95
N LYS A 152 2.97 10.35 2.54
CA LYS A 152 2.03 11.46 2.59
C LYS A 152 0.85 11.18 1.67
N ARG A 153 1.15 10.66 0.49
CA ARG A 153 0.12 10.32 -0.47
C ARG A 153 -0.70 9.13 0.03
N MET A 154 -0.04 8.18 0.68
CA MET A 154 -0.69 7.00 1.24
C MET A 154 -1.75 7.35 2.30
N VAL A 155 -1.48 8.38 3.09
CA VAL A 155 -2.35 8.76 4.22
C VAL A 155 -3.24 9.99 3.97
N ALA A 156 -3.05 10.65 2.82
CA ALA A 156 -3.70 11.93 2.50
C ALA A 156 -5.22 11.93 2.60
N ALA A 157 -5.76 13.00 3.19
CA ALA A 157 -7.21 13.18 3.31
C ALA A 157 -7.79 13.63 1.96
N ALA A 158 -9.06 13.35 1.75
CA ALA A 158 -9.76 13.81 0.55
C ALA A 158 -9.69 15.33 0.39
N GLY A 159 -9.55 15.79 -0.85
CA GLY A 159 -9.59 17.22 -1.16
C GLY A 159 -8.27 17.96 -1.00
N THR A 160 -7.19 17.22 -0.74
CA THR A 160 -5.88 17.86 -0.61
C THR A 160 -5.02 17.59 -1.82
N LYS A 161 -3.93 18.34 -1.95
N LYS A 161 -3.93 18.35 -1.96
CA LYS A 161 -2.97 18.21 -3.05
CA LYS A 161 -2.99 18.21 -3.07
C LYS A 161 -2.36 16.81 -3.14
C LYS A 161 -2.32 16.83 -3.15
N ASP A 162 -2.13 16.18 -2.00
CA ASP A 162 -1.51 14.85 -1.95
C ASP A 162 -2.48 13.67 -2.12
N TYR A 163 -3.78 13.99 -2.23
CA TYR A 163 -4.80 12.97 -2.43
C TYR A 163 -4.78 12.50 -3.88
N GLY A 164 -4.71 11.19 -4.07
CA GLY A 164 -4.65 10.61 -5.40
C GLY A 164 -5.00 9.14 -5.42
N ARG A 165 -4.80 8.51 -6.58
CA ARG A 165 -5.09 7.10 -6.77
C ARG A 165 -4.48 6.22 -5.67
N LEU A 166 -3.21 6.47 -5.35
CA LEU A 166 -2.50 5.76 -4.29
C LEU A 166 -3.25 5.83 -2.95
N SER A 167 -3.66 7.04 -2.55
CA SER A 167 -4.45 7.24 -1.33
C SER A 167 -5.66 6.32 -1.29
N VAL A 168 -6.49 6.40 -2.34
CA VAL A 168 -7.74 5.63 -2.41
C VAL A 168 -7.49 4.13 -2.48
N ALA A 169 -6.55 3.74 -3.33
CA ALA A 169 -6.18 2.33 -3.52
C ALA A 169 -5.72 1.64 -2.22
N VAL A 170 -5.03 2.40 -1.35
CA VAL A 170 -4.55 1.90 -0.07
C VAL A 170 -5.64 1.94 1.01
N GLN A 171 -6.28 3.09 1.16
CA GLN A 171 -7.24 3.33 2.25
C GLN A 171 -8.53 2.51 2.13
N SER A 172 -8.92 2.21 0.89
CA SER A 172 -10.10 1.39 0.60
C SER A 172 -9.92 -0.06 1.07
N ARG A 173 -8.69 -0.41 1.41
CA ARG A 173 -8.33 -1.76 1.82
C ARG A 173 -7.68 -1.80 3.21
N ALA A 174 -7.18 -0.67 3.69
CA ALA A 174 -6.40 -0.66 4.93
C ALA A 174 -6.43 0.68 5.67
N ASP A 175 -6.43 0.63 7.01
CA ASP A 175 -6.24 1.82 7.82
C ASP A 175 -4.74 2.12 7.85
N VAL A 176 -4.36 3.32 7.39
CA VAL A 176 -2.95 3.72 7.37
C VAL A 176 -2.68 4.99 8.18
N GLU A 177 -1.51 5.03 8.82
CA GLU A 177 -1.06 6.23 9.54
C GLU A 177 0.48 6.34 9.55
N ILE A 178 0.98 7.56 9.61
CA ILE A 178 2.40 7.80 9.80
C ILE A 178 2.76 7.76 11.30
N VAL A 179 3.68 6.87 11.64
CA VAL A 179 4.10 6.64 13.02
C VAL A 179 5.19 7.63 13.45
N ALA A 180 6.11 7.94 12.53
CA ALA A 180 7.19 8.90 12.75
C ALA A 180 7.85 9.37 11.44
N LYS A 181 8.35 10.60 11.44
CA LYS A 181 9.11 11.16 10.32
C LYS A 181 10.59 10.91 10.58
N VAL A 182 11.26 10.28 9.63
CA VAL A 182 12.64 9.85 9.80
C VAL A 182 13.64 10.71 9.02
N PRO A 183 14.63 11.32 9.72
CA PRO A 183 15.61 12.22 9.12
C PRO A 183 16.64 11.51 8.24
N PRO A 184 17.26 12.25 7.31
CA PRO A 184 18.41 11.71 6.59
C PRO A 184 19.53 11.15 7.48
N SER A 185 19.71 11.71 8.68
CA SER A 185 20.78 11.28 9.61
C SER A 185 20.60 9.85 10.16
N ALA A 186 19.41 9.29 9.98
CA ALA A 186 19.10 7.96 10.48
C ALA A 186 19.60 6.84 9.58
N PHE A 187 20.08 7.23 8.39
CA PHE A 187 20.55 6.28 7.38
C PHE A 187 22.02 6.46 7.03
N TYR A 188 22.64 5.38 6.53
CA TYR A 188 23.93 5.51 5.84
C TYR A 188 24.01 4.70 4.53
N PRO A 189 24.45 5.35 3.43
CA PRO A 189 24.78 6.77 3.25
C PRO A 189 23.57 7.69 3.47
N LYS A 190 23.80 9.00 3.48
CA LYS A 190 22.73 9.96 3.79
C LYS A 190 21.92 10.37 2.57
N PRO A 191 20.60 10.05 2.58
CA PRO A 191 19.67 10.36 1.48
C PRO A 191 19.48 11.86 1.22
N LYS A 192 18.88 12.20 0.09
CA LYS A 192 18.52 13.59 -0.20
C LYS A 192 17.34 14.02 0.66
N VAL A 193 16.41 13.08 0.92
CA VAL A 193 15.13 13.42 1.57
C VAL A 193 14.75 12.54 2.77
N TYR A 194 13.68 12.95 3.43
CA TYR A 194 13.15 12.26 4.58
C TYR A 194 12.53 10.92 4.21
N SER A 195 12.32 10.08 5.22
CA SER A 195 11.54 8.86 5.12
C SER A 195 10.47 8.85 6.21
N ALA A 196 9.61 7.84 6.18
CA ALA A 196 8.50 7.76 7.13
C ALA A 196 8.08 6.33 7.46
N ILE A 197 7.86 6.09 8.75
CA ILE A 197 7.33 4.81 9.22
C ILE A 197 5.80 4.81 9.15
N VAL A 198 5.27 3.92 8.32
CA VAL A 198 3.83 3.82 8.08
C VAL A 198 3.30 2.50 8.65
N LYS A 199 2.23 2.60 9.43
CA LYS A 199 1.53 1.47 10.00
C LYS A 199 0.30 1.13 9.15
N ILE A 200 0.21 -0.13 8.71
CA ILE A 200 -0.89 -0.54 7.84
C ILE A 200 -1.72 -1.64 8.50
N LYS A 201 -3.02 -1.41 8.60
CA LYS A 201 -3.94 -2.40 9.19
C LYS A 201 -5.11 -2.71 8.24
N PRO A 202 -4.98 -3.79 7.43
CA PRO A 202 -6.04 -4.21 6.52
C PRO A 202 -7.40 -4.33 7.20
N ASN A 203 -8.40 -3.71 6.59
CA ASN A 203 -9.77 -3.66 7.11
C ASN A 203 -10.72 -3.88 5.92
N LYS A 204 -10.87 -5.14 5.51
CA LYS A 204 -11.66 -5.50 4.32
C LYS A 204 -13.15 -5.16 4.46
N GLY A 205 -13.68 -5.29 5.67
CA GLY A 205 -15.11 -5.04 5.94
C GLY A 205 -15.54 -3.58 6.03
N LYS A 206 -14.61 -2.64 6.15
CA LYS A 206 -14.99 -1.22 6.27
C LYS A 206 -15.74 -0.71 5.05
N TYR A 207 -15.20 -0.95 3.86
CA TYR A 207 -15.72 -0.36 2.62
C TYR A 207 -16.39 -1.33 1.65
N HIS A 208 -16.01 -2.61 1.70
CA HIS A 208 -16.64 -3.67 0.90
C HIS A 208 -16.71 -3.34 -0.60
N ILE A 209 -15.66 -3.74 -1.32
CA ILE A 209 -15.58 -3.52 -2.75
C ILE A 209 -16.38 -4.64 -3.43
N GLU A 210 -17.04 -4.30 -4.53
CA GLU A 210 -17.97 -5.23 -5.19
C GLU A 210 -17.24 -6.17 -6.13
N ASN A 211 -16.36 -5.60 -6.93
CA ASN A 211 -15.54 -6.34 -7.88
C ASN A 211 -14.19 -5.64 -7.91
N GLU A 212 -13.13 -6.35 -7.54
CA GLU A 212 -11.81 -5.76 -7.38
C GLU A 212 -11.22 -5.27 -8.71
N ASN A 213 -11.35 -6.09 -9.74
CA ASN A 213 -10.86 -5.73 -11.07
C ASN A 213 -11.54 -4.49 -11.63
N PHE A 214 -12.85 -4.39 -11.43
CA PHE A 214 -13.59 -3.21 -11.88
C PHE A 214 -13.21 -1.96 -11.08
N PHE A 215 -13.20 -2.09 -9.76
CA PHE A 215 -12.77 -1.02 -8.85
C PHE A 215 -11.40 -0.45 -9.21
N ASP A 216 -10.47 -1.32 -9.59
CA ASP A 216 -9.14 -0.90 -10.06
C ASP A 216 -9.16 -0.11 -11.37
N ASP A 217 -9.94 -0.60 -12.34
CA ASP A 217 -10.11 0.09 -13.61
C ASP A 217 -10.75 1.47 -13.41
N PHE A 218 -11.71 1.54 -12.48
CA PHE A 218 -12.46 2.77 -12.16
C PHE A 218 -11.56 3.84 -11.59
N LEU A 219 -10.70 3.45 -10.64
CA LEU A 219 -9.74 4.36 -10.01
C LEU A 219 -8.73 4.89 -11.02
N ARG A 220 -8.16 4.00 -11.81
CA ARG A 220 -7.25 4.37 -12.88
C ARG A 220 -7.89 5.40 -13.81
N ALA A 221 -9.12 5.12 -14.22
CA ALA A 221 -9.88 5.99 -15.11
C ALA A 221 -10.08 7.42 -14.56
N ILE A 222 -10.59 7.51 -13.34
CA ILE A 222 -10.95 8.81 -12.75
C ILE A 222 -9.74 9.64 -12.31
N PHE A 223 -8.71 8.98 -11.79
CA PHE A 223 -7.48 9.67 -11.33
C PHE A 223 -6.49 10.01 -12.44
N GLN A 224 -6.87 9.68 -13.66
CA GLN A 224 -6.18 10.18 -14.84
C GLN A 224 -6.65 11.61 -15.17
N HIS A 225 -7.72 12.04 -14.52
CA HIS A 225 -8.25 13.40 -14.65
C HIS A 225 -8.81 13.86 -13.29
N ARG A 226 -7.90 14.02 -12.33
CA ARG A 226 -8.29 14.21 -10.94
C ARG A 226 -8.96 15.54 -10.62
N ASN A 227 -8.74 16.55 -11.46
CA ASN A 227 -9.33 17.88 -11.26
C ASN A 227 -10.57 18.15 -12.13
N LYS A 228 -11.05 17.11 -12.82
CA LYS A 228 -12.30 17.18 -13.57
C LYS A 228 -13.41 16.53 -12.75
N SER A 229 -14.66 16.68 -13.20
CA SER A 229 -15.75 15.92 -12.62
C SER A 229 -15.52 14.44 -12.90
N VAL A 230 -16.06 13.60 -12.01
CA VAL A 230 -15.98 12.14 -12.12
C VAL A 230 -16.53 11.71 -13.48
N ARG A 231 -17.62 12.35 -13.90
CA ARG A 231 -18.25 12.01 -15.17
C ARG A 231 -17.43 12.43 -16.40
N LYS A 232 -16.83 13.61 -16.36
CA LYS A 232 -15.96 14.05 -17.47
C LYS A 232 -14.68 13.22 -17.48
N ALA A 233 -14.25 12.79 -16.30
CA ALA A 233 -13.09 11.91 -16.15
C ALA A 233 -13.36 10.54 -16.76
N LEU A 234 -14.54 10.00 -16.47
CA LEU A 234 -14.97 8.68 -16.98
C LEU A 234 -15.11 8.65 -18.48
N ILE A 235 -15.41 9.80 -19.07
CA ILE A 235 -15.56 9.93 -20.53
C ILE A 235 -14.19 10.01 -21.24
N ASP A 236 -13.30 10.87 -20.77
CA ASP A 236 -11.97 11.07 -21.39
C ASP A 236 -11.13 9.80 -21.40
N SER A 237 -11.25 9.00 -20.35
CA SER A 237 -10.48 7.78 -20.25
C SER A 237 -11.42 6.57 -20.18
N SER A 238 -12.46 6.60 -21.02
CA SER A 238 -13.45 5.52 -21.10
C SER A 238 -12.85 4.19 -21.55
N LYS A 239 -11.76 4.28 -22.30
CA LYS A 239 -10.96 3.13 -22.72
C LYS A 239 -10.72 2.14 -21.55
N GLU A 240 -10.45 2.70 -20.38
CA GLU A 240 -10.09 1.92 -19.19
C GLU A 240 -11.23 1.03 -18.68
N LEU A 241 -12.48 1.44 -18.91
CA LEU A 241 -13.65 0.65 -18.55
C LEU A 241 -14.26 -0.09 -19.74
N ASN A 242 -13.52 -0.10 -20.85
CA ASN A 242 -13.92 -0.78 -22.09
C ASN A 242 -15.11 -0.18 -22.86
N TYR A 243 -15.13 1.15 -22.95
CA TYR A 243 -16.11 1.89 -23.74
C TYR A 243 -15.44 3.01 -24.53
N ASN A 244 -16.02 3.37 -25.67
CA ASN A 244 -15.63 4.60 -26.38
C ASN A 244 -16.34 5.82 -25.75
N LYS A 245 -15.94 7.01 -26.15
CA LYS A 245 -16.41 8.25 -25.49
C LYS A 245 -17.91 8.52 -25.63
N ASP A 246 -18.53 7.93 -26.65
CA ASP A 246 -19.94 8.14 -26.96
C ASP A 246 -20.85 7.20 -26.18
N GLU A 247 -20.48 5.92 -26.14
CA GLU A 247 -21.18 4.94 -25.34
C GLU A 247 -21.21 5.35 -23.86
N MET A 248 -20.04 5.77 -23.34
CA MET A 248 -19.87 6.20 -21.95
C MET A 248 -20.71 7.45 -21.62
N LYS A 249 -20.64 8.45 -22.48
CA LYS A 249 -21.48 9.66 -22.35
C LYS A 249 -22.97 9.29 -22.25
N LYS A 250 -23.42 8.34 -23.06
CA LYS A 250 -24.79 7.86 -23.02
C LYS A 250 -25.04 6.98 -21.78
N ILE A 251 -24.06 6.14 -21.44
CA ILE A 251 -24.08 5.36 -20.19
C ILE A 251 -24.25 6.26 -18.96
N LEU A 252 -23.55 7.40 -18.91
CA LEU A 252 -23.60 8.29 -17.73
C LEU A 252 -24.91 9.08 -17.58
N GLU A 253 -25.48 9.47 -18.71
CA GLU A 253 -26.82 10.05 -18.75
C GLU A 253 -27.88 9.12 -18.15
N ASP A 254 -27.81 7.83 -18.48
CA ASP A 254 -28.75 6.83 -17.94
C ASP A 254 -28.52 6.53 -16.46
N PHE A 255 -27.26 6.37 -16.07
CA PHE A 255 -26.82 6.07 -14.69
C PHE A 255 -27.24 7.18 -13.74
N LEU A 256 -27.13 8.42 -14.22
CA LEU A 256 -27.57 9.63 -13.55
C LEU A 256 -29.01 9.49 -13.05
N ASN A 257 -29.86 8.92 -13.89
CA ASN A 257 -31.30 8.89 -13.63
C ASN A 257 -31.80 7.79 -12.66
N THR A 258 -30.87 7.08 -12.01
CA THR A 258 -31.28 6.07 -11.01
C THR A 258 -31.39 6.58 -9.56
N ASN A 259 -30.87 7.78 -9.29
CA ASN A 259 -31.04 8.49 -8.01
C ASN A 259 -30.25 9.80 -7.94
N SER A 260 -30.66 10.70 -7.06
CA SER A 260 -30.03 12.03 -6.95
C SER A 260 -28.66 12.02 -6.27
N GLU A 261 -28.45 11.09 -5.34
CA GLU A 261 -27.13 10.89 -4.71
C GLU A 261 -26.06 10.64 -5.77
N ILE A 262 -26.41 9.84 -6.78
CA ILE A 262 -25.48 9.48 -7.86
C ILE A 262 -25.22 10.66 -8.78
N LYS A 263 -26.23 11.52 -8.94
CA LYS A 263 -26.11 12.77 -9.69
C LYS A 263 -25.09 13.71 -9.03
N ASN A 264 -25.22 13.87 -7.72
CA ASN A 264 -24.33 14.78 -6.99
C ASN A 264 -22.89 14.29 -6.89
N LEU A 265 -22.68 12.98 -6.98
CA LEU A 265 -21.34 12.40 -6.88
C LEU A 265 -20.52 12.47 -8.17
N ILE A 266 -21.16 12.21 -9.32
CA ILE A 266 -20.45 12.20 -10.62
C ILE A 266 -20.17 13.61 -11.13
N ASN A 267 -20.86 14.61 -10.57
CA ASN A 267 -20.65 16.01 -10.91
C ASN A 267 -19.55 16.67 -10.07
N GLU A 268 -19.16 16.02 -8.98
CA GLU A 268 -18.09 16.52 -8.11
C GLU A 268 -16.72 16.16 -8.68
N LYS A 269 -15.72 16.96 -8.36
CA LYS A 269 -14.34 16.74 -8.78
C LYS A 269 -13.75 15.48 -8.13
N VAL A 270 -13.02 14.69 -8.92
CA VAL A 270 -12.51 13.39 -8.46
C VAL A 270 -11.80 13.48 -7.10
N PHE A 271 -10.85 14.40 -6.98
CA PHE A 271 -10.06 14.54 -5.76
C PHE A 271 -10.85 15.03 -4.54
N LYS A 272 -12.13 15.37 -4.73
CA LYS A 272 -12.97 15.80 -3.61
C LYS A 272 -13.92 14.72 -3.05
N LEU A 273 -14.01 13.58 -3.71
CA LEU A 273 -14.81 12.48 -3.15
C LEU A 273 -14.01 11.73 -2.10
N SER A 274 -14.67 11.34 -1.01
CA SER A 274 -14.03 10.56 0.04
C SER A 274 -13.81 9.14 -0.47
N VAL A 275 -12.94 8.39 0.19
CA VAL A 275 -12.76 6.98 -0.18
C VAL A 275 -14.11 6.25 -0.13
N LYS A 276 -14.93 6.57 0.88
CA LYS A 276 -16.27 5.98 1.08
C LYS A 276 -17.20 6.25 -0.10
N ASP A 277 -17.13 7.46 -0.63
CA ASP A 277 -17.92 7.88 -1.78
C ASP A 277 -17.46 7.21 -3.08
N ILE A 278 -16.16 7.13 -3.30
CA ILE A 278 -15.61 6.49 -4.51
C ILE A 278 -15.87 4.96 -4.54
N VAL A 279 -15.74 4.31 -3.39
CA VAL A 279 -16.06 2.89 -3.25
C VAL A 279 -17.56 2.68 -3.48
N ASN A 280 -18.39 3.45 -2.79
CA ASN A 280 -19.85 3.39 -2.95
C ASN A 280 -20.31 3.69 -4.38
N LEU A 281 -19.68 4.67 -5.03
CA LEU A 281 -20.01 5.03 -6.40
C LEU A 281 -19.63 3.95 -7.44
N SER A 282 -18.42 3.39 -7.30
CA SER A 282 -17.94 2.35 -8.21
C SER A 282 -18.73 1.04 -8.06
N ASN A 283 -19.10 0.71 -6.82
CA ASN A 283 -19.97 -0.44 -6.54
C ASN A 283 -21.30 -0.38 -7.29
N GLU A 284 -21.93 0.80 -7.27
CA GLU A 284 -23.21 1.00 -7.95
C GLU A 284 -23.11 1.11 -9.46
N PHE A 285 -22.04 1.74 -9.96
CA PHE A 285 -21.82 1.83 -11.41
C PHE A 285 -21.56 0.45 -12.02
N TYR A 286 -20.94 -0.43 -11.25
CA TYR A 286 -20.76 -1.83 -11.63
C TYR A 286 -22.09 -2.58 -11.74
N ARG A 287 -22.90 -2.54 -10.67
CA ARG A 287 -24.20 -3.19 -10.63
C ARG A 287 -25.12 -2.68 -11.75
N PHE A 288 -25.04 -1.38 -12.03
CA PHE A 288 -25.74 -0.75 -13.15
C PHE A 288 -25.28 -1.32 -14.50
N LEU A 289 -23.97 -1.48 -14.67
CA LEU A 289 -23.40 -1.93 -15.93
C LEU A 289 -23.65 -3.40 -16.27
N GLN A 290 -23.59 -4.26 -15.25
CA GLN A 290 -23.77 -5.71 -15.44
C GLN A 290 -25.24 -6.06 -15.67
N ASN A 291 -26.12 -5.39 -14.93
CA ASN A 291 -27.55 -5.44 -15.18
C ASN A 291 -27.91 -4.62 -16.44
N ARG A 292 -26.91 -4.45 -17.32
CA ARG A 292 -27.08 -3.82 -18.63
C ARG A 292 -26.11 -4.41 -19.65
#